data_1VP5
#
_entry.id   1VP5
#
_cell.length_a   94.314
_cell.length_b   94.314
_cell.length_c   146.855
_cell.angle_alpha   90.00
_cell.angle_beta   90.00
_cell.angle_gamma   120.00
#
_symmetry.space_group_name_H-M   'P 65'
#
loop_
_entity.id
_entity.type
_entity.pdbx_description
1 polymer '2,5-diketo-D-gluconic acid reductase'
2 non-polymer 'NADP NICOTINAMIDE-ADENINE-DINUCLEOTIDE PHOSPHATE'
3 water water
#
_entity_poly.entity_id   1
_entity_poly.type   'polypeptide(L)'
_entity_poly.pdbx_seq_one_letter_code
;MGSDKIHHHHHHMQVPKVTLNNGVEMPILGYGVFQIPPEKTEECVYEAIKVGYRLIDTAASYMNEEGVGRAIKRAIDEGI
VRREELFVTTKLWVSDVGYESTKKAFEKSLKKLQLEYIDLYLIHQPFGDVHCAWKAMEEMYKDGLVRAIGVSNFYPDRLM
DLMVHHEIVPAVNQIEIHPFYQRQEEIEFMRNYNIQPEAWGPFAEGRKNIFQNGVLRSIAEKYGKTVAQVILRWLTQKGI
VAIPKTVRRERMKENISIFDFELTQEDMEKIATLDEGQSAFFSHRDPEVVKWICSLKR
;
_entity_poly.pdbx_strand_id   A,B
#
# COMPACT_ATOMS: atom_id res chain seq x y z
N GLN A 14 3.31 -2.63 13.72
CA GLN A 14 3.76 -3.78 12.84
C GLN A 14 2.78 -4.99 12.95
N VAL A 15 1.62 -4.90 12.28
CA VAL A 15 0.54 -5.91 12.39
C VAL A 15 0.77 -7.07 11.44
N PRO A 16 0.97 -8.28 11.97
CA PRO A 16 1.28 -9.42 11.09
C PRO A 16 0.15 -9.72 10.13
N LYS A 17 0.48 -10.36 9.02
CA LYS A 17 -0.52 -10.81 8.04
C LYS A 17 -0.51 -12.34 7.95
N VAL A 18 -1.67 -12.93 7.74
CA VAL A 18 -1.76 -14.35 7.37
C VAL A 18 -1.81 -14.48 5.85
N THR A 19 -1.31 -15.58 5.32
CA THR A 19 -1.42 -15.82 3.89
C THR A 19 -2.55 -16.80 3.61
N LEU A 20 -3.55 -16.38 2.84
CA LEU A 20 -4.69 -17.23 2.55
C LEU A 20 -4.34 -18.25 1.46
N ASN A 21 -5.21 -19.26 1.30
CA ASN A 21 -4.93 -20.38 0.41
C ASN A 21 -4.70 -19.94 -1.06
N ASN A 22 -5.09 -18.71 -1.41
CA ASN A 22 -4.82 -18.20 -2.76
C ASN A 22 -3.66 -17.17 -2.82
N GLY A 23 -2.90 -17.06 -1.74
CA GLY A 23 -1.74 -16.19 -1.68
C GLY A 23 -2.06 -14.77 -1.26
N VAL A 24 -3.33 -14.45 -1.10
CA VAL A 24 -3.73 -13.15 -0.56
C VAL A 24 -3.39 -13.06 0.91
N GLU A 25 -2.85 -11.92 1.29
CA GLU A 25 -2.42 -11.65 2.67
C GLU A 25 -3.52 -10.87 3.34
N MET A 26 -3.88 -11.28 4.54
CA MET A 26 -4.92 -10.64 5.31
C MET A 26 -4.33 -10.27 6.68
N PRO A 27 -4.53 -9.05 7.17
CA PRO A 27 -4.08 -8.69 8.54
C PRO A 27 -4.69 -9.61 9.61
N ILE A 28 -3.91 -9.98 10.62
CA ILE A 28 -4.41 -10.93 11.64
C ILE A 28 -5.29 -10.24 12.71
N LEU A 29 -5.27 -8.92 12.71
CA LEU A 29 -6.11 -8.19 13.59
C LEU A 29 -6.79 -7.12 12.81
N GLY A 30 -8.11 -7.06 12.94
CA GLY A 30 -8.93 -6.08 12.27
C GLY A 30 -9.98 -5.46 13.17
N TYR A 31 -10.88 -4.71 12.51
CA TYR A 31 -11.84 -3.82 13.14
C TYR A 31 -13.27 -4.16 12.71
N GLY A 32 -14.09 -4.54 13.68
CA GLY A 32 -15.45 -4.99 13.40
C GLY A 32 -16.44 -3.86 13.63
N VAL A 33 -17.54 -3.82 12.86
CA VAL A 33 -18.52 -2.72 12.97
C VAL A 33 -19.98 -3.12 13.26
N PHE A 34 -20.18 -4.37 13.72
CA PHE A 34 -21.49 -4.82 14.20
C PHE A 34 -21.96 -3.99 15.42
N GLN A 35 -23.19 -3.51 15.34
CA GLN A 35 -23.84 -2.66 16.37
C GLN A 35 -23.31 -1.26 16.51
N ILE A 36 -22.48 -0.85 15.56
CA ILE A 36 -22.16 0.54 15.43
C ILE A 36 -23.27 1.07 14.53
N PRO A 37 -24.01 2.06 15.02
CA PRO A 37 -25.08 2.65 14.24
C PRO A 37 -24.55 3.21 12.91
N PRO A 38 -25.36 3.08 11.86
CA PRO A 38 -25.00 3.58 10.55
C PRO A 38 -24.42 5.00 10.57
N GLU A 39 -25.01 5.86 11.42
CA GLU A 39 -24.64 7.26 11.46
C GLU A 39 -23.41 7.55 12.28
N LYS A 40 -22.94 6.55 13.01
CA LYS A 40 -21.68 6.67 13.79
C LYS A 40 -20.51 5.89 13.16
N THR A 41 -20.81 5.10 12.14
CA THR A 41 -19.84 4.17 11.55
C THR A 41 -18.71 4.89 10.78
N GLU A 42 -19.03 5.96 10.05
CA GLU A 42 -17.96 6.67 9.34
C GLU A 42 -16.84 7.17 10.27
N GLU A 43 -17.20 7.81 11.37
CA GLU A 43 -16.20 8.40 12.24
C GLU A 43 -15.44 7.31 12.93
N CYS A 44 -16.11 6.24 13.32
CA CYS A 44 -15.44 5.10 13.94
C CYS A 44 -14.36 4.48 13.05
N VAL A 45 -14.72 4.22 11.80
CA VAL A 45 -13.82 3.53 10.87
C VAL A 45 -12.65 4.43 10.50
N TYR A 46 -12.95 5.73 10.30
CA TYR A 46 -11.96 6.71 10.02
C TYR A 46 -10.94 6.77 11.14
N GLU A 47 -11.41 6.81 12.38
CA GLU A 47 -10.51 6.84 13.54
C GLU A 47 -9.69 5.56 13.63
N ALA A 48 -10.33 4.43 13.35
CA ALA A 48 -9.66 3.14 13.40
C ALA A 48 -8.50 3.13 12.43
N ILE A 49 -8.75 3.62 11.21
CA ILE A 49 -7.76 3.64 10.13
C ILE A 49 -6.60 4.56 10.51
N LYS A 50 -6.90 5.70 11.12
CA LYS A 50 -5.92 6.66 11.57
C LYS A 50 -5.01 5.97 12.65
N VAL A 51 -5.62 5.17 13.51
CA VAL A 51 -4.93 4.45 14.57
C VAL A 51 -4.10 3.30 13.96
N GLY A 52 -4.51 2.79 12.81
CA GLY A 52 -3.71 1.81 12.06
C GLY A 52 -4.41 0.53 11.63
N TYR A 53 -5.73 0.49 11.74
CA TYR A 53 -6.45 -0.68 11.25
C TYR A 53 -6.49 -0.65 9.73
N ARG A 54 -6.49 -1.87 9.16
CA ARG A 54 -6.55 -2.04 7.70
C ARG A 54 -7.61 -3.07 7.31
N LEU A 55 -7.71 -4.12 8.12
CA LEU A 55 -8.81 -5.05 8.08
C LEU A 55 -10.07 -4.44 8.72
N ILE A 56 -11.11 -4.29 7.89
CA ILE A 56 -12.39 -3.73 8.29
C ILE A 56 -13.43 -4.78 8.00
N ASP A 57 -14.23 -5.11 9.00
CA ASP A 57 -15.27 -6.09 8.81
C ASP A 57 -16.64 -5.48 8.95
N THR A 58 -17.41 -5.58 7.85
CA THR A 58 -18.82 -5.16 7.84
C THR A 58 -19.72 -6.24 7.19
N ALA A 59 -20.98 -5.88 6.94
CA ALA A 59 -21.92 -6.78 6.29
C ALA A 59 -23.10 -5.97 5.77
N ALA A 60 -23.76 -6.53 4.78
CA ALA A 60 -24.98 -5.93 4.25
C ALA A 60 -25.99 -5.73 5.39
N SER A 61 -26.02 -6.71 6.28
CA SER A 61 -27.01 -6.76 7.33
C SER A 61 -26.74 -5.73 8.44
N TYR A 62 -25.50 -5.26 8.58
CA TYR A 62 -25.21 -4.20 9.58
C TYR A 62 -25.74 -2.82 9.16
N MET A 63 -26.15 -2.66 7.89
CA MET A 63 -26.66 -1.36 7.41
C MET A 63 -25.69 -0.17 7.55
N ASN A 64 -24.39 -0.46 7.63
CA ASN A 64 -23.40 0.61 7.76
C ASN A 64 -22.26 0.55 6.75
N GLU A 65 -22.45 -0.20 5.65
CA GLU A 65 -21.49 -0.21 4.54
C GLU A 65 -21.25 1.20 4.01
N GLU A 66 -22.30 1.99 3.97
CA GLU A 66 -22.25 3.31 3.35
C GLU A 66 -21.30 4.22 4.18
N GLY A 67 -21.36 4.11 5.50
CA GLY A 67 -20.45 4.82 6.39
C GLY A 67 -19.01 4.32 6.39
N VAL A 68 -18.86 3.01 6.26
CA VAL A 68 -17.54 2.39 6.09
C VAL A 68 -16.87 2.97 4.87
N GLY A 69 -17.60 2.95 3.75
CA GLY A 69 -17.10 3.52 2.48
C GLY A 69 -16.70 4.99 2.54
N ARG A 70 -17.44 5.80 3.28
CA ARG A 70 -17.12 7.22 3.41
C ARG A 70 -15.83 7.47 4.21
N ALA A 71 -15.65 6.69 5.27
CA ALA A 71 -14.42 6.71 6.06
C ALA A 71 -13.20 6.41 5.19
N ILE A 72 -13.32 5.34 4.42
CA ILE A 72 -12.27 4.93 3.49
C ILE A 72 -12.00 6.02 2.48
N LYS A 73 -13.06 6.55 1.90
CA LYS A 73 -12.85 7.54 0.85
C LYS A 73 -12.03 8.73 1.39
N ARG A 74 -12.31 9.13 2.64
CA ARG A 74 -11.59 10.24 3.27
C ARG A 74 -10.14 9.91 3.55
N ALA A 75 -9.91 8.80 4.23
CA ALA A 75 -8.56 8.29 4.49
C ALA A 75 -7.67 8.23 3.24
N ILE A 76 -8.23 7.73 2.13
CA ILE A 76 -7.54 7.67 0.85
C ILE A 76 -7.26 9.09 0.33
N ASP A 77 -8.28 9.96 0.39
CA ASP A 77 -8.16 11.31 -0.20
C ASP A 77 -7.20 12.09 0.61
N GLU A 78 -7.16 11.87 1.92
CA GLU A 78 -6.25 12.61 2.79
C GLU A 78 -4.84 12.02 2.83
N GLY A 79 -4.60 10.91 2.12
CA GLY A 79 -3.27 10.32 2.01
C GLY A 79 -2.84 9.41 3.15
N ILE A 80 -3.77 9.02 4.03
CA ILE A 80 -3.46 8.23 5.20
C ILE A 80 -3.10 6.80 4.80
N VAL A 81 -3.83 6.29 3.80
CA VAL A 81 -3.64 4.97 3.23
C VAL A 81 -3.87 5.01 1.72
N ARG A 82 -3.35 4.01 1.01
CA ARG A 82 -3.84 3.71 -0.33
C ARG A 82 -4.77 2.54 -0.19
N ARG A 83 -5.65 2.39 -1.17
CA ARG A 83 -6.64 1.32 -1.26
C ARG A 83 -6.04 -0.07 -1.05
N GLU A 84 -4.85 -0.33 -1.56
CA GLU A 84 -4.24 -1.68 -1.49
C GLU A 84 -3.82 -2.08 -0.09
N GLU A 85 -3.60 -1.08 0.75
CA GLU A 85 -3.26 -1.32 2.17
C GLU A 85 -4.44 -1.75 2.98
N LEU A 86 -5.64 -1.32 2.58
CA LEU A 86 -6.84 -1.76 3.22
C LEU A 86 -7.25 -3.19 2.81
N PHE A 87 -7.91 -3.86 3.77
CA PHE A 87 -8.55 -5.15 3.59
C PHE A 87 -10.02 -5.07 4.05
N VAL A 88 -10.92 -4.86 3.08
CA VAL A 88 -12.34 -4.71 3.30
C VAL A 88 -13.11 -6.01 3.13
N THR A 89 -13.79 -6.41 4.20
CA THR A 89 -14.64 -7.60 4.26
C THR A 89 -16.10 -7.21 4.40
N THR A 90 -16.92 -7.84 3.56
CA THR A 90 -18.37 -7.77 3.70
C THR A 90 -19.06 -9.08 3.35
N LYS A 91 -20.37 -9.11 3.51
CA LYS A 91 -21.05 -10.38 3.66
C LYS A 91 -22.34 -10.39 2.95
N LEU A 92 -22.68 -11.54 2.41
CA LEU A 92 -23.94 -11.80 1.72
C LEU A 92 -24.98 -12.29 2.73
N TRP A 93 -26.10 -11.56 2.82
CA TRP A 93 -27.15 -11.87 3.79
C TRP A 93 -28.08 -12.99 3.29
N VAL A 94 -28.62 -13.75 4.22
CA VAL A 94 -29.45 -14.92 3.95
C VAL A 94 -30.51 -14.70 2.87
N SER A 95 -31.17 -13.56 2.94
CA SER A 95 -32.31 -13.34 2.12
C SER A 95 -31.92 -13.07 0.67
N ASP A 96 -30.62 -12.84 0.43
CA ASP A 96 -30.07 -12.59 -0.92
C ASP A 96 -29.41 -13.82 -1.50
N VAL A 97 -29.37 -14.90 -0.74
CA VAL A 97 -28.66 -16.09 -1.20
C VAL A 97 -29.34 -16.72 -2.42
N GLY A 98 -28.57 -16.92 -3.48
CA GLY A 98 -29.03 -17.60 -4.70
C GLY A 98 -27.94 -17.39 -5.74
N TYR A 99 -28.27 -17.47 -7.02
CA TYR A 99 -27.27 -17.27 -8.03
C TYR A 99 -27.20 -15.78 -8.45
N GLU A 100 -28.16 -15.30 -9.22
CA GLU A 100 -28.20 -13.91 -9.63
C GLU A 100 -28.40 -12.98 -8.44
N SER A 101 -29.19 -13.41 -7.46
CA SER A 101 -29.51 -12.60 -6.28
C SER A 101 -28.20 -12.25 -5.54
N THR A 102 -27.25 -13.19 -5.59
CA THR A 102 -25.96 -13.05 -4.93
C THR A 102 -25.08 -12.02 -5.62
N LYS A 103 -25.02 -12.08 -6.95
CA LYS A 103 -24.29 -11.05 -7.75
C LYS A 103 -24.85 -9.61 -7.48
N LYS A 104 -26.17 -9.51 -7.53
CA LYS A 104 -26.88 -8.28 -7.27
C LYS A 104 -26.54 -7.75 -5.88
N ALA A 105 -26.57 -8.60 -4.86
CA ALA A 105 -26.21 -8.25 -3.48
C ALA A 105 -24.80 -7.71 -3.34
N PHE A 106 -23.88 -8.39 -4.00
CA PHE A 106 -22.44 -8.02 -3.99
C PHE A 106 -22.29 -6.67 -4.62
N GLU A 107 -22.99 -6.46 -5.71
CA GLU A 107 -22.84 -5.25 -6.48
C GLU A 107 -23.48 -4.11 -5.69
N LYS A 108 -24.51 -4.41 -4.91
CA LYS A 108 -25.10 -3.42 -4.03
C LYS A 108 -24.12 -3.03 -2.91
N SER A 109 -23.47 -4.01 -2.31
CA SER A 109 -22.50 -3.71 -1.26
C SER A 109 -21.32 -2.90 -1.87
N LEU A 110 -20.86 -3.33 -3.06
CA LEU A 110 -19.75 -2.67 -3.71
C LEU A 110 -20.04 -1.19 -3.86
N LYS A 111 -21.24 -0.88 -4.38
CA LYS A 111 -21.71 0.50 -4.54
C LYS A 111 -21.70 1.30 -3.21
N LYS A 112 -22.37 0.74 -2.20
CA LYS A 112 -22.44 1.36 -0.88
C LYS A 112 -21.04 1.71 -0.36
N LEU A 113 -20.12 0.78 -0.53
CA LEU A 113 -18.75 0.96 -0.08
C LEU A 113 -17.95 1.93 -0.95
N GLN A 114 -18.47 2.23 -2.13
CA GLN A 114 -17.79 3.07 -3.14
C GLN A 114 -16.43 2.52 -3.54
N LEU A 115 -16.35 1.20 -3.70
CA LEU A 115 -15.07 0.56 -4.00
C LEU A 115 -15.11 -0.04 -5.37
N GLU A 116 -13.93 -0.32 -5.93
CA GLU A 116 -13.86 -1.00 -7.24
C GLU A 116 -13.86 -2.49 -7.00
N TYR A 117 -13.31 -2.94 -5.87
CA TYR A 117 -13.21 -4.37 -5.57
C TYR A 117 -13.35 -4.53 -4.09
N ILE A 118 -13.67 -5.76 -3.69
CA ILE A 118 -13.74 -6.13 -2.26
C ILE A 118 -12.63 -7.15 -1.99
N ASP A 119 -12.01 -7.04 -0.83
CA ASP A 119 -10.90 -7.95 -0.52
C ASP A 119 -11.43 -9.33 -0.18
N LEU A 120 -12.45 -9.38 0.68
CA LEU A 120 -13.04 -10.64 1.10
C LEU A 120 -14.55 -10.56 1.15
N TYR A 121 -15.22 -11.48 0.46
CA TYR A 121 -16.69 -11.56 0.53
C TYR A 121 -17.09 -12.90 1.10
N LEU A 122 -17.96 -12.85 2.12
CA LEU A 122 -18.42 -14.03 2.86
C LEU A 122 -19.90 -14.34 2.69
N ILE A 123 -20.23 -15.63 2.61
CA ILE A 123 -21.59 -16.05 2.90
C ILE A 123 -21.75 -15.93 4.44
N HIS A 124 -22.75 -15.13 4.84
CA HIS A 124 -22.90 -14.70 6.22
C HIS A 124 -23.44 -15.84 7.11
N GLN A 125 -24.35 -16.64 6.57
CA GLN A 125 -25.02 -17.71 7.31
C GLN A 125 -25.10 -19.02 6.48
N PRO A 126 -25.13 -20.16 7.14
CA PRO A 126 -25.18 -21.46 6.45
C PRO A 126 -26.57 -21.92 5.95
N PHE A 127 -27.45 -21.00 5.59
CA PHE A 127 -28.82 -21.35 5.27
C PHE A 127 -29.13 -20.96 3.80
N GLY A 128 -30.19 -21.55 3.24
CA GLY A 128 -30.58 -21.34 1.86
C GLY A 128 -29.63 -21.97 0.87
N ASP A 129 -29.76 -21.57 -0.42
CA ASP A 129 -29.01 -22.22 -1.50
C ASP A 129 -27.55 -21.71 -1.55
N VAL A 130 -26.75 -22.14 -0.57
CA VAL A 130 -25.38 -21.72 -0.47
C VAL A 130 -24.49 -22.28 -1.61
N HIS A 131 -24.95 -23.33 -2.27
CA HIS A 131 -24.27 -23.89 -3.41
C HIS A 131 -24.36 -22.91 -4.59
N CYS A 132 -25.55 -22.38 -4.84
CA CYS A 132 -25.69 -21.36 -5.89
C CYS A 132 -24.95 -20.06 -5.53
N ALA A 133 -25.02 -19.66 -4.27
CA ALA A 133 -24.27 -18.48 -3.82
C ALA A 133 -22.78 -18.63 -4.03
N TRP A 134 -22.25 -19.79 -3.68
CA TRP A 134 -20.79 -20.06 -3.85
C TRP A 134 -20.34 -20.06 -5.34
N LYS A 135 -21.15 -20.68 -6.18
CA LYS A 135 -20.95 -20.69 -7.60
C LYS A 135 -20.90 -19.26 -8.24
N ALA A 136 -21.89 -18.44 -7.88
CA ALA A 136 -21.89 -16.99 -8.13
C ALA A 136 -20.61 -16.29 -7.67
N MET A 137 -20.20 -16.60 -6.46
CA MET A 137 -19.04 -15.99 -5.85
C MET A 137 -17.76 -16.40 -6.50
N GLU A 138 -17.65 -17.68 -6.88
CA GLU A 138 -16.49 -18.18 -7.64
C GLU A 138 -16.32 -17.43 -8.95
N GLU A 139 -17.44 -17.11 -9.60
CA GLU A 139 -17.44 -16.40 -10.88
C GLU A 139 -17.05 -14.97 -10.70
N MET A 140 -17.50 -14.33 -9.62
CA MET A 140 -17.05 -12.94 -9.36
C MET A 140 -15.57 -12.88 -8.96
N TYR A 141 -15.13 -13.93 -8.27
CA TYR A 141 -13.75 -14.11 -7.90
C TYR A 141 -12.85 -14.20 -9.14
N LYS A 142 -13.27 -15.01 -10.10
CA LYS A 142 -12.49 -15.25 -11.28
C LYS A 142 -12.55 -14.04 -12.23
N ASP A 143 -13.65 -13.29 -12.19
CA ASP A 143 -13.74 -11.97 -12.88
C ASP A 143 -12.86 -10.85 -12.25
N GLY A 144 -12.26 -11.09 -11.09
CA GLY A 144 -11.43 -10.09 -10.47
C GLY A 144 -12.13 -9.06 -9.60
N LEU A 145 -13.39 -9.29 -9.25
CA LEU A 145 -14.19 -8.33 -8.51
C LEU A 145 -13.95 -8.43 -7.02
N VAL A 146 -13.42 -9.58 -6.59
CA VAL A 146 -13.20 -9.85 -5.19
C VAL A 146 -11.89 -10.64 -5.07
N ARG A 147 -11.05 -10.27 -4.10
CA ARG A 147 -9.72 -10.91 -3.99
C ARG A 147 -9.71 -12.28 -3.32
N ALA A 148 -10.73 -12.54 -2.50
CA ALA A 148 -10.87 -13.74 -1.71
C ALA A 148 -12.38 -13.96 -1.34
N ILE A 149 -12.82 -15.20 -1.35
CA ILE A 149 -14.21 -15.53 -1.05
C ILE A 149 -14.22 -16.59 0.04
N GLY A 150 -15.22 -16.51 0.89
CA GLY A 150 -15.26 -17.40 2.02
C GLY A 150 -16.64 -17.45 2.58
N VAL A 151 -16.70 -18.03 3.77
CA VAL A 151 -17.99 -18.29 4.45
C VAL A 151 -17.94 -17.89 5.90
N SER A 152 -19.09 -17.98 6.56
CA SER A 152 -19.24 -17.64 7.98
C SER A 152 -20.25 -18.60 8.62
N ASN A 153 -19.90 -19.05 9.82
CA ASN A 153 -20.76 -19.88 10.66
C ASN A 153 -21.01 -21.28 10.10
N PHE A 154 -20.04 -21.77 9.34
CA PHE A 154 -20.09 -23.13 8.77
C PHE A 154 -19.34 -24.13 9.65
N TYR A 155 -20.05 -25.18 10.04
CA TYR A 155 -19.48 -26.31 10.74
C TYR A 155 -18.75 -27.11 9.68
N PRO A 156 -17.83 -27.98 10.12
CA PRO A 156 -17.00 -28.75 9.23
C PRO A 156 -17.74 -29.58 8.21
N ASP A 157 -18.85 -30.19 8.59
CA ASP A 157 -19.69 -30.91 7.62
C ASP A 157 -20.19 -30.02 6.50
N ARG A 158 -20.47 -28.78 6.84
CA ARG A 158 -20.98 -27.86 5.82
C ARG A 158 -19.85 -27.37 4.92
N LEU A 159 -18.69 -27.15 5.51
CA LEU A 159 -17.47 -26.81 4.78
C LEU A 159 -17.08 -27.90 3.81
N MET A 160 -17.18 -29.14 4.27
CA MET A 160 -16.85 -30.25 3.41
C MET A 160 -17.78 -30.35 2.22
N ASP A 161 -19.06 -30.13 2.44
CA ASP A 161 -20.08 -30.24 1.41
C ASP A 161 -19.79 -29.29 0.28
N LEU A 162 -19.37 -28.07 0.63
CA LEU A 162 -18.95 -27.09 -0.38
C LEU A 162 -17.70 -27.57 -1.07
N MET A 163 -16.73 -28.00 -0.28
CA MET A 163 -15.42 -28.36 -0.86
C MET A 163 -15.53 -29.51 -1.84
N VAL A 164 -16.36 -30.50 -1.55
CA VAL A 164 -16.48 -31.64 -2.48
C VAL A 164 -17.38 -31.31 -3.64
N HIS A 165 -18.14 -30.20 -3.63
CA HIS A 165 -19.03 -29.88 -4.79
C HIS A 165 -18.54 -28.71 -5.65
N HIS A 166 -17.45 -28.04 -5.25
CA HIS A 166 -16.96 -26.84 -5.92
C HIS A 166 -15.46 -26.77 -5.97
N GLU A 167 -14.94 -25.99 -6.96
CA GLU A 167 -13.53 -25.87 -7.24
C GLU A 167 -12.73 -25.12 -6.17
N ILE A 168 -13.26 -23.95 -5.74
CA ILE A 168 -12.53 -23.03 -4.88
C ILE A 168 -12.82 -23.37 -3.43
N VAL A 169 -11.73 -23.69 -2.70
CA VAL A 169 -11.79 -23.88 -1.24
C VAL A 169 -11.99 -22.52 -0.58
N PRO A 170 -12.96 -22.39 0.30
CA PRO A 170 -13.19 -21.11 1.00
C PRO A 170 -11.91 -20.60 1.65
N ALA A 171 -11.58 -19.35 1.39
CA ALA A 171 -10.35 -18.79 1.92
C ALA A 171 -10.42 -18.57 3.41
N VAL A 172 -11.59 -18.22 3.92
CA VAL A 172 -11.82 -17.88 5.31
C VAL A 172 -13.17 -18.49 5.78
N ASN A 173 -13.20 -18.97 7.03
CA ASN A 173 -14.46 -19.19 7.70
C ASN A 173 -14.50 -18.38 9.00
N GLN A 174 -15.42 -17.41 9.04
CA GLN A 174 -15.61 -16.51 10.16
C GLN A 174 -16.64 -17.07 11.13
N ILE A 175 -16.17 -17.39 12.33
CA ILE A 175 -16.97 -18.04 13.33
C ILE A 175 -16.67 -17.47 14.70
N GLU A 176 -17.62 -17.65 15.62
CA GLU A 176 -17.44 -17.25 16.99
C GLU A 176 -16.27 -18.01 17.65
N ILE A 177 -15.25 -17.27 18.08
CA ILE A 177 -14.15 -17.89 18.81
C ILE A 177 -13.68 -16.92 19.88
N HIS A 178 -13.66 -17.40 21.12
CA HIS A 178 -13.25 -16.60 22.27
C HIS A 178 -12.93 -17.60 23.38
N PRO A 179 -12.36 -17.17 24.52
CA PRO A 179 -11.97 -18.08 25.57
C PRO A 179 -13.02 -19.04 26.08
N PHE A 180 -14.29 -18.74 25.91
CA PHE A 180 -15.35 -19.63 26.42
C PHE A 180 -15.93 -20.54 25.34
N TYR A 181 -15.51 -20.36 24.11
CA TYR A 181 -15.91 -21.19 22.97
C TYR A 181 -14.74 -21.24 21.99
N GLN A 182 -13.81 -22.14 22.27
CA GLN A 182 -12.52 -22.07 21.64
C GLN A 182 -12.24 -22.94 20.39
N ARG A 183 -12.86 -24.12 20.28
CA ARG A 183 -13.51 -24.63 19.10
C ARG A 183 -12.20 -25.26 18.40
N GLN A 184 -11.26 -25.76 19.22
CA GLN A 184 -9.98 -26.24 18.76
C GLN A 184 -10.04 -27.30 17.63
N GLU A 185 -10.95 -28.26 17.78
CA GLU A 185 -11.19 -29.32 16.81
C GLU A 185 -11.57 -28.78 15.41
N GLU A 186 -12.41 -27.74 15.38
CA GLU A 186 -12.79 -27.06 14.15
C GLU A 186 -11.64 -26.24 13.56
N ILE A 187 -10.84 -25.65 14.43
CA ILE A 187 -9.61 -24.98 13.98
C ILE A 187 -8.66 -25.94 13.27
N GLU A 188 -8.47 -27.13 13.82
CA GLU A 188 -7.56 -28.06 13.19
C GLU A 188 -8.15 -28.67 11.92
N PHE A 189 -9.48 -28.72 11.81
CA PHE A 189 -10.11 -29.19 10.60
C PHE A 189 -9.83 -28.17 9.50
N MET A 190 -10.05 -26.89 9.83
CA MET A 190 -9.74 -25.76 8.91
C MET A 190 -8.31 -25.63 8.50
N ARG A 191 -7.41 -25.84 9.44
CA ARG A 191 -5.97 -25.83 9.13
C ARG A 191 -5.61 -26.99 8.21
N ASN A 192 -6.18 -28.15 8.47
CA ASN A 192 -6.02 -29.31 7.60
C ASN A 192 -6.45 -29.07 6.14
N TYR A 193 -7.56 -28.37 5.97
CA TYR A 193 -8.16 -28.14 4.67
C TYR A 193 -7.88 -26.74 4.08
N ASN A 194 -6.96 -25.98 4.71
CA ASN A 194 -6.49 -24.66 4.21
C ASN A 194 -7.50 -23.54 4.20
N ILE A 195 -8.34 -23.55 5.23
CA ILE A 195 -9.36 -22.54 5.40
C ILE A 195 -8.87 -21.72 6.60
N GLN A 196 -8.65 -20.42 6.40
CA GLN A 196 -8.21 -19.56 7.49
C GLN A 196 -9.39 -19.32 8.46
N PRO A 197 -9.26 -19.72 9.72
CA PRO A 197 -10.22 -19.32 10.75
C PRO A 197 -10.11 -17.84 11.10
N GLU A 198 -11.27 -17.20 11.19
CA GLU A 198 -11.40 -15.84 11.63
C GLU A 198 -12.40 -15.76 12.78
N ALA A 199 -11.99 -15.11 13.86
CA ALA A 199 -12.82 -14.98 15.03
C ALA A 199 -13.72 -13.78 15.01
N TRP A 200 -15.03 -14.05 14.93
CA TRP A 200 -16.00 -13.03 15.40
C TRP A 200 -16.30 -13.19 16.88
N GLY A 201 -16.80 -12.11 17.48
CA GLY A 201 -17.04 -12.11 18.95
C GLY A 201 -15.84 -12.56 19.78
N PRO A 202 -14.65 -12.02 19.49
CA PRO A 202 -13.42 -12.46 20.18
C PRO A 202 -13.48 -12.22 21.67
N PHE A 203 -14.30 -11.24 22.09
CA PHE A 203 -14.54 -10.96 23.49
C PHE A 203 -15.84 -11.50 23.95
N ALA A 204 -16.44 -12.41 23.19
CA ALA A 204 -17.83 -12.84 23.43
C ALA A 204 -18.81 -11.68 23.66
N GLU A 205 -18.59 -10.56 22.97
CA GLU A 205 -19.34 -9.34 23.18
C GLU A 205 -19.40 -8.89 24.65
N GLY A 206 -18.39 -9.22 25.44
CA GLY A 206 -18.39 -8.94 26.86
C GLY A 206 -19.23 -9.85 27.74
N ARG A 207 -19.87 -10.86 27.16
CA ARG A 207 -20.69 -11.79 27.93
C ARG A 207 -19.85 -12.46 29.05
N LYS A 208 -20.50 -12.84 30.14
CA LYS A 208 -19.90 -13.70 31.17
C LYS A 208 -18.74 -13.08 31.92
N ASN A 209 -18.82 -11.77 32.07
CA ASN A 209 -17.83 -10.98 32.81
C ASN A 209 -16.40 -11.27 32.33
N ILE A 210 -16.27 -11.43 31.03
CA ILE A 210 -15.02 -11.87 30.47
C ILE A 210 -13.84 -10.96 30.81
N PHE A 211 -14.08 -9.66 30.88
CA PHE A 211 -12.97 -8.71 31.10
C PHE A 211 -12.48 -8.78 32.53
N GLN A 212 -13.28 -9.40 33.39
CA GLN A 212 -12.92 -9.57 34.77
C GLN A 212 -12.53 -10.99 35.18
N ASN A 213 -12.30 -11.85 34.19
CA ASN A 213 -11.99 -13.23 34.47
C ASN A 213 -10.62 -13.32 35.19
N GLY A 214 -10.59 -14.04 36.32
CA GLY A 214 -9.40 -14.14 37.16
C GLY A 214 -8.20 -14.78 36.51
N VAL A 215 -8.45 -15.86 35.78
CA VAL A 215 -7.37 -16.50 35.00
C VAL A 215 -6.76 -15.50 34.01
N LEU A 216 -7.61 -14.81 33.25
CA LEU A 216 -7.14 -13.83 32.25
C LEU A 216 -6.39 -12.62 32.87
N ARG A 217 -6.86 -12.18 34.04
CA ARG A 217 -6.22 -11.08 34.75
C ARG A 217 -4.87 -11.42 35.35
N SER A 218 -4.73 -12.64 35.87
CA SER A 218 -3.44 -13.13 36.34
C SER A 218 -2.43 -13.14 35.21
N ILE A 219 -2.83 -13.53 34.00
CA ILE A 219 -1.91 -13.50 32.85
C ILE A 219 -1.63 -12.05 32.36
N ALA A 220 -2.70 -11.25 32.25
CA ALA A 220 -2.58 -9.82 31.99
C ALA A 220 -1.62 -9.12 32.99
N GLU A 221 -1.76 -9.41 34.29
CA GLU A 221 -0.91 -8.79 35.31
C GLU A 221 0.55 -9.09 34.98
N LYS A 222 0.82 -10.37 34.70
CA LYS A 222 2.16 -10.87 34.37
C LYS A 222 2.89 -10.01 33.30
N TYR A 223 2.13 -9.51 32.32
CA TYR A 223 2.70 -8.75 31.19
C TYR A 223 2.43 -7.25 31.17
N GLY A 224 1.69 -6.74 32.17
CA GLY A 224 1.34 -5.32 32.22
C GLY A 224 0.45 -4.97 31.06
N LYS A 225 -0.37 -5.93 30.65
CA LYS A 225 -1.35 -5.73 29.61
C LYS A 225 -2.75 -5.87 30.22
N THR A 226 -3.77 -5.51 29.44
CA THR A 226 -5.19 -5.77 29.80
C THR A 226 -5.63 -7.14 29.32
N VAL A 227 -6.77 -7.56 29.85
CA VAL A 227 -7.39 -8.83 29.51
C VAL A 227 -7.76 -8.89 28.00
N ALA A 228 -8.38 -7.83 27.50
CA ALA A 228 -8.71 -7.68 26.09
C ALA A 228 -7.45 -7.94 25.27
N GLN A 229 -6.37 -7.24 25.57
CA GLN A 229 -5.10 -7.48 24.88
C GLN A 229 -4.65 -8.97 24.89
N VAL A 230 -4.75 -9.59 26.07
CA VAL A 230 -4.38 -11.00 26.26
C VAL A 230 -5.22 -11.93 25.40
N ILE A 231 -6.51 -11.63 25.33
CA ILE A 231 -7.41 -12.45 24.52
C ILE A 231 -7.03 -12.38 23.05
N LEU A 232 -6.80 -11.16 22.58
CA LEU A 232 -6.42 -10.95 21.18
C LEU A 232 -5.04 -11.51 20.88
N ARG A 233 -4.07 -11.32 21.78
CA ARG A 233 -2.76 -11.95 21.63
C ARG A 233 -2.91 -13.48 21.53
N TRP A 234 -3.77 -14.04 22.38
CA TRP A 234 -4.03 -15.49 22.40
C TRP A 234 -4.60 -15.97 21.06
N LEU A 235 -5.63 -15.33 20.56
CA LEU A 235 -6.11 -15.69 19.25
C LEU A 235 -5.05 -15.64 18.15
N THR A 236 -4.35 -14.50 18.09
CA THR A 236 -3.44 -14.27 16.97
C THR A 236 -2.26 -15.20 17.09
N GLN A 237 -1.90 -15.56 18.33
CA GLN A 237 -0.77 -16.45 18.55
C GLN A 237 -1.14 -17.87 18.06
N LYS A 238 -2.43 -18.18 18.02
CA LYS A 238 -2.94 -19.39 17.40
C LYS A 238 -3.02 -19.31 15.87
N GLY A 239 -2.71 -18.19 15.27
CA GLY A 239 -2.85 -18.02 13.84
C GLY A 239 -4.30 -17.76 13.45
N ILE A 240 -5.07 -17.16 14.35
CA ILE A 240 -6.46 -16.84 14.10
C ILE A 240 -6.65 -15.32 13.89
N VAL A 241 -7.28 -14.94 12.80
CA VAL A 241 -7.59 -13.56 12.54
C VAL A 241 -8.69 -13.18 13.50
N ALA A 242 -8.55 -12.01 14.15
CA ALA A 242 -9.52 -11.50 15.12
C ALA A 242 -9.98 -10.11 14.72
N ILE A 243 -11.28 -9.85 14.89
CA ILE A 243 -11.87 -8.57 14.49
C ILE A 243 -12.66 -7.90 15.60
N PRO A 244 -11.97 -7.52 16.70
CA PRO A 244 -12.63 -6.84 17.80
C PRO A 244 -13.31 -5.52 17.38
N LYS A 245 -14.42 -5.23 18.01
CA LYS A 245 -15.17 -4.02 17.80
C LYS A 245 -15.14 -3.16 19.08
N THR A 246 -14.88 -1.87 18.87
CA THR A 246 -15.07 -0.85 19.88
C THR A 246 -15.37 0.46 19.20
N VAL A 247 -16.24 1.25 19.82
CA VAL A 247 -16.49 2.62 19.38
C VAL A 247 -15.53 3.63 20.03
N ARG A 248 -14.55 3.19 20.81
CA ARG A 248 -13.67 4.13 21.54
C ARG A 248 -12.25 4.21 20.97
N ARG A 249 -11.76 5.42 20.72
CA ARG A 249 -10.43 5.58 20.12
C ARG A 249 -9.42 4.84 21.01
N GLU A 250 -9.51 5.05 22.31
CA GLU A 250 -8.53 4.49 23.25
C GLU A 250 -8.50 2.96 23.24
N ARG A 251 -9.64 2.31 23.01
CA ARG A 251 -9.70 0.86 22.89
C ARG A 251 -9.23 0.33 21.52
N MET A 252 -9.42 1.12 20.47
CA MET A 252 -8.86 0.79 19.17
C MET A 252 -7.33 0.64 19.31
N LYS A 253 -6.72 1.65 19.96
CA LYS A 253 -5.29 1.72 20.22
C LYS A 253 -4.85 0.55 21.10
N GLU A 254 -5.62 0.27 22.15
CA GLU A 254 -5.32 -0.83 23.09
C GLU A 254 -5.38 -2.20 22.36
N ASN A 255 -6.44 -2.39 21.56
CA ASN A 255 -6.74 -3.68 20.94
C ASN A 255 -5.74 -4.03 19.84
N ILE A 256 -5.13 -3.03 19.22
CA ILE A 256 -4.14 -3.28 18.17
C ILE A 256 -2.71 -3.37 18.72
N SER A 257 -2.52 -2.98 19.98
CA SER A 257 -1.20 -2.90 20.59
C SER A 257 -0.85 -4.15 21.41
N ILE A 258 -0.75 -5.27 20.68
CA ILE A 258 -0.62 -6.61 21.27
C ILE A 258 0.57 -7.42 20.75
N PHE A 259 1.39 -6.84 19.89
CA PHE A 259 2.42 -7.61 19.20
C PHE A 259 3.80 -7.38 19.76
N ASP A 260 3.85 -6.60 20.84
CA ASP A 260 5.10 -6.35 21.57
C ASP A 260 5.28 -7.30 22.76
N PHE A 261 4.51 -8.39 22.76
CA PHE A 261 4.65 -9.41 23.81
C PHE A 261 4.09 -10.75 23.31
N GLU A 262 4.28 -11.80 24.11
CA GLU A 262 3.99 -13.18 23.73
C GLU A 262 3.58 -13.99 24.93
N LEU A 263 2.59 -14.84 24.74
CA LEU A 263 2.16 -15.71 25.83
C LEU A 263 3.03 -16.94 25.85
N THR A 264 3.39 -17.43 27.04
CA THR A 264 4.11 -18.71 27.12
C THR A 264 3.18 -19.88 26.79
N GLN A 265 3.77 -21.04 26.57
CA GLN A 265 3.02 -22.26 26.44
C GLN A 265 2.12 -22.48 27.67
N GLU A 266 2.66 -22.22 28.87
CA GLU A 266 1.92 -22.31 30.13
C GLU A 266 0.71 -21.42 30.11
N ASP A 267 0.89 -20.20 29.61
CA ASP A 267 -0.19 -19.22 29.54
C ASP A 267 -1.29 -19.74 28.64
N MET A 268 -0.88 -20.29 27.48
CA MET A 268 -1.81 -20.81 26.45
C MET A 268 -2.64 -21.98 26.96
N GLU A 269 -1.97 -22.88 27.67
CA GLU A 269 -2.63 -23.99 28.39
C GLU A 269 -3.60 -23.53 29.47
N LYS A 270 -3.24 -22.52 30.26
CA LYS A 270 -4.19 -21.94 31.26
C LYS A 270 -5.47 -21.41 30.59
N ILE A 271 -5.26 -20.67 29.51
CA ILE A 271 -6.39 -20.11 28.80
C ILE A 271 -7.26 -21.23 28.25
N ALA A 272 -6.64 -22.33 27.77
CA ALA A 272 -7.40 -23.49 27.22
C ALA A 272 -8.38 -24.11 28.25
N THR A 273 -8.04 -24.04 29.52
CA THR A 273 -8.91 -24.58 30.59
C THR A 273 -10.27 -23.88 30.66
N LEU A 274 -10.41 -22.74 30.01
CA LEU A 274 -11.60 -21.89 30.14
C LEU A 274 -12.71 -22.22 29.17
N ASP A 275 -12.38 -23.01 28.16
CA ASP A 275 -13.34 -23.40 27.14
C ASP A 275 -14.60 -24.03 27.78
N GLU A 276 -15.75 -23.51 27.41
CA GLU A 276 -17.02 -24.11 27.79
C GLU A 276 -17.63 -24.95 26.65
N GLY A 277 -17.08 -24.88 25.43
CA GLY A 277 -17.40 -25.83 24.38
C GLY A 277 -18.73 -25.61 23.70
N GLN A 278 -19.27 -24.39 23.84
CA GLN A 278 -20.50 -24.00 23.16
C GLN A 278 -20.66 -22.50 23.11
N SER A 279 -21.52 -22.07 22.18
CA SER A 279 -21.71 -20.68 21.91
C SER A 279 -22.13 -19.90 23.14
N ALA A 280 -21.71 -18.64 23.18
CA ALA A 280 -22.22 -17.74 24.16
C ALA A 280 -23.59 -17.21 23.75
N PHE A 281 -24.01 -17.47 22.50
CA PHE A 281 -25.26 -16.85 21.94
C PHE A 281 -26.31 -17.92 21.65
N PHE A 282 -26.00 -18.80 20.71
CA PHE A 282 -26.91 -19.87 20.33
C PHE A 282 -26.17 -20.76 19.35
N SER A 283 -26.78 -21.94 19.08
CA SER A 283 -26.29 -22.90 18.06
C SER A 283 -26.95 -22.71 16.67
N HIS A 284 -26.14 -22.72 15.64
CA HIS A 284 -26.62 -22.76 14.25
C HIS A 284 -27.23 -24.11 13.82
N ARG A 285 -27.12 -25.15 14.66
CA ARG A 285 -27.80 -26.45 14.45
C ARG A 285 -29.17 -26.56 15.15
N ASP A 286 -29.54 -25.49 15.88
CA ASP A 286 -30.82 -25.41 16.54
C ASP A 286 -31.85 -24.98 15.49
N PRO A 287 -32.80 -25.85 15.16
CA PRO A 287 -33.78 -25.55 14.12
C PRO A 287 -34.62 -24.25 14.36
N GLU A 288 -34.96 -23.97 15.62
CA GLU A 288 -35.61 -22.72 15.97
C GLU A 288 -34.73 -21.50 15.62
N VAL A 289 -33.42 -21.61 15.84
CA VAL A 289 -32.47 -20.58 15.46
C VAL A 289 -32.41 -20.33 13.93
N VAL A 290 -32.34 -21.40 13.17
CA VAL A 290 -32.39 -21.34 11.70
C VAL A 290 -33.59 -20.49 11.25
N LYS A 291 -34.75 -20.82 11.78
CA LYS A 291 -35.97 -20.08 11.51
C LYS A 291 -35.92 -18.59 11.98
N TRP A 292 -35.36 -18.34 13.17
CA TRP A 292 -35.35 -17.00 13.68
C TRP A 292 -34.49 -16.19 12.75
N ILE A 293 -33.32 -16.71 12.42
CA ILE A 293 -32.41 -15.98 11.53
C ILE A 293 -32.95 -15.73 10.10
N CYS A 294 -33.63 -16.74 9.57
CA CYS A 294 -34.23 -16.60 8.27
C CYS A 294 -35.44 -15.68 8.26
N SER A 295 -35.98 -15.32 9.41
CA SER A 295 -37.12 -14.44 9.46
C SER A 295 -36.77 -12.99 9.85
N LEU A 296 -35.49 -12.73 10.17
CA LEU A 296 -35.05 -11.35 10.40
C LEU A 296 -35.37 -10.44 9.21
N LYS A 297 -35.00 -10.82 8.01
CA LYS A 297 -35.46 -10.06 6.80
C LYS A 297 -36.33 -10.91 5.80
N GLN B 14 2.47 18.62 3.50
CA GLN B 14 1.42 18.12 2.56
C GLN B 14 1.97 18.05 1.10
N VAL B 15 2.81 17.05 0.78
CA VAL B 15 3.45 16.97 -0.54
C VAL B 15 2.56 16.34 -1.60
N PRO B 16 2.17 17.09 -2.63
CA PRO B 16 1.28 16.49 -3.66
C PRO B 16 1.90 15.31 -4.39
N LYS B 17 1.03 14.42 -4.87
CA LYS B 17 1.43 13.22 -5.62
C LYS B 17 0.96 13.37 -7.09
N VAL B 18 1.71 12.81 -8.01
CA VAL B 18 1.20 12.61 -9.38
C VAL B 18 0.69 11.18 -9.53
N THR B 19 -0.28 10.97 -10.38
CA THR B 19 -0.77 9.61 -10.64
C THR B 19 -0.17 9.15 -11.96
N LEU B 20 0.58 8.05 -11.93
CA LEU B 20 1.23 7.54 -13.12
C LEU B 20 0.25 6.77 -13.99
N ASN B 21 0.64 6.43 -15.22
CA ASN B 21 -0.27 5.81 -16.19
C ASN B 21 -0.86 4.48 -15.75
N ASN B 22 -0.31 3.86 -14.68
CA ASN B 22 -0.84 2.61 -14.12
C ASN B 22 -1.54 2.81 -12.77
N GLY B 23 -1.85 4.05 -12.45
CA GLY B 23 -2.52 4.39 -11.20
C GLY B 23 -1.64 4.46 -9.97
N VAL B 24 -0.37 4.14 -10.09
CA VAL B 24 0.58 4.35 -9.00
C VAL B 24 0.78 5.86 -8.76
N GLU B 25 0.76 6.24 -7.48
CA GLU B 25 0.99 7.63 -7.07
C GLU B 25 2.44 7.81 -6.63
N MET B 26 3.06 8.85 -7.16
CA MET B 26 4.43 9.17 -6.92
C MET B 26 4.50 10.62 -6.41
N PRO B 27 5.20 10.87 -5.29
CA PRO B 27 5.38 12.25 -4.81
C PRO B 27 5.97 13.18 -5.90
N ILE B 28 5.59 14.45 -5.90
CA ILE B 28 6.05 15.35 -6.96
C ILE B 28 7.37 16.00 -6.60
N LEU B 29 7.80 15.79 -5.36
CA LEU B 29 9.08 16.27 -4.92
C LEU B 29 9.73 15.18 -4.12
N GLY B 30 10.94 14.85 -4.54
CA GLY B 30 11.75 13.81 -3.92
C GLY B 30 13.18 14.24 -3.68
N TYR B 31 13.94 13.26 -3.16
CA TYR B 31 15.30 13.44 -2.68
C TYR B 31 16.29 12.60 -3.50
N GLY B 32 17.24 13.29 -4.16
CA GLY B 32 18.24 12.62 -5.05
C GLY B 32 19.55 12.40 -4.33
N VAL B 33 20.26 11.31 -4.66
CA VAL B 33 21.53 11.00 -3.94
C VAL B 33 22.78 10.85 -4.83
N PHE B 34 22.75 11.43 -6.04
CA PHE B 34 23.95 11.48 -6.88
C PHE B 34 25.04 12.38 -6.30
N GLN B 35 26.23 11.81 -6.18
CA GLN B 35 27.49 12.47 -5.62
C GLN B 35 27.49 12.58 -4.10
N ILE B 36 26.55 11.89 -3.46
CA ILE B 36 26.63 11.73 -2.03
C ILE B 36 27.46 10.49 -1.91
N PRO B 37 28.61 10.59 -1.25
CA PRO B 37 29.49 9.45 -1.07
C PRO B 37 28.76 8.29 -0.36
N PRO B 38 29.06 7.05 -0.77
CA PRO B 38 28.40 5.87 -0.21
C PRO B 38 28.37 5.85 1.32
N GLU B 39 29.45 6.33 1.93
CA GLU B 39 29.59 6.32 3.38
C GLU B 39 28.83 7.48 4.05
N LYS B 40 28.35 8.46 3.29
CA LYS B 40 27.58 9.56 3.86
C LYS B 40 26.11 9.45 3.49
N THR B 41 25.76 8.48 2.67
CA THR B 41 24.41 8.39 2.12
C THR B 41 23.36 7.95 3.15
N GLU B 42 23.71 7.03 4.05
CA GLU B 42 22.75 6.62 5.09
C GLU B 42 22.25 7.79 5.94
N GLU B 43 23.15 8.61 6.44
CA GLU B 43 22.75 9.72 7.31
C GLU B 43 21.96 10.76 6.54
N CYS B 44 22.34 11.03 5.31
CA CYS B 44 21.57 11.95 4.44
C CYS B 44 20.12 11.55 4.18
N VAL B 45 19.92 10.29 3.82
CA VAL B 45 18.59 9.78 3.50
C VAL B 45 17.74 9.71 4.77
N TYR B 46 18.37 9.27 5.85
CA TYR B 46 17.67 9.20 7.12
C TYR B 46 17.18 10.59 7.57
N GLU B 47 18.04 11.59 7.40
CA GLU B 47 17.64 12.96 7.75
C GLU B 47 16.55 13.46 6.83
N ALA B 48 16.68 13.18 5.54
CA ALA B 48 15.67 13.54 4.57
C ALA B 48 14.30 12.97 4.90
N ILE B 49 14.26 11.71 5.29
CA ILE B 49 13.01 11.04 5.64
C ILE B 49 12.41 11.67 6.88
N LYS B 50 13.26 12.06 7.81
CA LYS B 50 12.83 12.65 9.07
C LYS B 50 12.19 14.02 8.76
N VAL B 51 12.80 14.72 7.83
CA VAL B 51 12.32 16.02 7.38
C VAL B 51 11.02 15.89 6.58
N GLY B 52 10.81 14.74 5.94
CA GLY B 52 9.53 14.43 5.31
C GLY B 52 9.61 13.94 3.91
N TYR B 53 10.78 13.55 3.40
CA TYR B 53 10.84 13.04 2.03
C TYR B 53 10.40 11.59 2.01
N ARG B 54 9.82 11.19 0.88
CA ARG B 54 9.32 9.83 0.67
C ARG B 54 9.81 9.26 -0.67
N LEU B 55 9.85 10.13 -1.68
CA LEU B 55 10.53 9.81 -2.94
C LEU B 55 12.03 9.93 -2.77
N ILE B 56 12.71 8.80 -2.98
CA ILE B 56 14.15 8.70 -2.90
C ILE B 56 14.68 8.19 -4.23
N ASP B 57 15.64 8.94 -4.80
CA ASP B 57 16.20 8.58 -6.08
C ASP B 57 17.66 8.16 -5.96
N THR B 58 17.94 6.91 -6.34
CA THR B 58 19.30 6.42 -6.42
C THR B 58 19.49 5.65 -7.74
N ALA B 59 20.61 4.93 -7.82
CA ALA B 59 20.97 4.12 -9.00
C ALA B 59 22.09 3.19 -8.62
N ALA B 60 22.16 2.06 -9.31
CA ALA B 60 23.27 1.14 -9.14
C ALA B 60 24.60 1.90 -9.29
N SER B 61 24.65 2.81 -10.26
CA SER B 61 25.89 3.50 -10.64
C SER B 61 26.37 4.47 -9.56
N TYR B 62 25.46 5.02 -8.75
CA TYR B 62 25.85 5.90 -7.64
C TYR B 62 26.63 5.20 -6.51
N MET B 63 26.56 3.86 -6.47
CA MET B 63 27.25 3.05 -5.43
C MET B 63 26.78 3.26 -3.96
N ASN B 64 25.58 3.81 -3.77
CA ASN B 64 25.07 4.12 -2.46
C ASN B 64 23.70 3.56 -2.16
N GLU B 65 23.30 2.51 -2.87
CA GLU B 65 22.06 1.82 -2.61
C GLU B 65 22.07 1.20 -1.24
N GLU B 66 23.23 0.71 -0.84
CA GLU B 66 23.38 0.01 0.44
C GLU B 66 23.11 1.00 1.61
N GLY B 67 23.60 2.22 1.50
CA GLY B 67 23.33 3.27 2.48
C GLY B 67 21.90 3.78 2.46
N VAL B 68 21.32 3.86 1.28
CA VAL B 68 19.90 4.21 1.17
C VAL B 68 19.02 3.20 1.92
N GLY B 69 19.30 1.93 1.72
CA GLY B 69 18.60 0.84 2.38
C GLY B 69 18.69 0.89 3.88
N ARG B 70 19.86 1.19 4.41
CA ARG B 70 20.10 1.26 5.83
C ARG B 70 19.37 2.42 6.52
N ALA B 71 19.32 3.56 5.83
CA ALA B 71 18.48 4.68 6.25
C ALA B 71 16.98 4.29 6.35
N ILE B 72 16.51 3.62 5.30
CA ILE B 72 15.13 3.16 5.24
C ILE B 72 14.85 2.18 6.34
N LYS B 73 15.73 1.21 6.50
CA LYS B 73 15.51 0.19 7.49
C LYS B 73 15.36 0.85 8.87
N ARG B 74 16.19 1.85 9.17
CA ARG B 74 16.10 2.53 10.46
C ARG B 74 14.82 3.32 10.66
N ALA B 75 14.47 4.15 9.67
CA ALA B 75 13.20 4.90 9.66
C ALA B 75 11.97 4.01 9.89
N ILE B 76 11.98 2.84 9.26
CA ILE B 76 10.90 1.87 9.40
C ILE B 76 10.88 1.33 10.81
N ASP B 77 12.06 0.93 11.31
CA ASP B 77 12.15 0.23 12.61
C ASP B 77 11.83 1.21 13.71
N GLU B 78 12.18 2.47 13.50
CA GLU B 78 11.90 3.52 14.48
C GLU B 78 10.49 4.13 14.34
N GLY B 79 9.71 3.66 13.37
CA GLY B 79 8.31 4.06 13.27
C GLY B 79 8.07 5.41 12.61
N ILE B 80 9.09 5.96 11.97
CA ILE B 80 8.98 7.26 11.28
C ILE B 80 8.09 7.13 10.04
N VAL B 81 8.26 6.02 9.32
CA VAL B 81 7.47 5.70 8.13
C VAL B 81 7.18 4.20 8.06
N ARG B 82 6.17 3.84 7.29
CA ARG B 82 6.04 2.45 6.80
C ARG B 82 6.57 2.41 5.40
N ARG B 83 6.87 1.20 5.00
CA ARG B 83 7.38 0.94 3.68
C ARG B 83 6.51 1.54 2.55
N GLU B 84 5.17 1.46 2.72
CA GLU B 84 4.23 1.88 1.67
C GLU B 84 4.19 3.39 1.48
N GLU B 85 4.59 4.14 2.50
CA GLU B 85 4.74 5.59 2.41
C GLU B 85 5.96 6.04 1.60
N LEU B 86 7.00 5.19 1.55
CA LEU B 86 8.16 5.49 0.75
C LEU B 86 7.91 5.15 -0.72
N PHE B 87 8.66 5.85 -1.57
CA PHE B 87 8.67 5.63 -3.02
C PHE B 87 10.13 5.59 -3.44
N VAL B 88 10.66 4.37 -3.57
CA VAL B 88 12.08 4.14 -3.88
C VAL B 88 12.33 3.94 -5.39
N THR B 89 13.20 4.79 -5.93
CA THR B 89 13.64 4.69 -7.32
C THR B 89 15.09 4.23 -7.41
N THR B 90 15.31 3.28 -8.31
CA THR B 90 16.66 2.96 -8.72
C THR B 90 16.74 2.57 -10.17
N LYS B 91 17.97 2.33 -10.64
CA LYS B 91 18.24 2.41 -12.08
C LYS B 91 19.18 1.34 -12.50
N LEU B 92 18.89 0.84 -13.69
CA LEU B 92 19.70 -0.16 -14.41
C LEU B 92 20.82 0.50 -15.20
N TRP B 93 22.05 0.15 -14.85
CA TRP B 93 23.24 0.75 -15.49
C TRP B 93 23.54 0.10 -16.85
N VAL B 94 24.08 0.90 -17.78
CA VAL B 94 24.34 0.52 -19.19
C VAL B 94 25.00 -0.85 -19.35
N SER B 95 25.94 -1.12 -18.46
CA SER B 95 26.80 -2.24 -18.67
C SER B 95 26.05 -3.49 -18.24
N ASP B 96 24.88 -3.32 -17.59
CA ASP B 96 23.99 -4.45 -17.21
C ASP B 96 22.83 -4.66 -18.13
N VAL B 97 22.69 -3.82 -19.14
CA VAL B 97 21.55 -3.87 -20.04
C VAL B 97 21.56 -5.18 -20.86
N GLY B 98 20.44 -5.90 -20.82
CA GLY B 98 20.23 -7.14 -21.62
C GLY B 98 18.96 -7.76 -21.13
N TYR B 99 18.79 -9.04 -21.32
CA TYR B 99 17.58 -9.66 -20.80
C TYR B 99 17.82 -10.21 -19.38
N GLU B 100 18.56 -11.32 -19.24
CA GLU B 100 18.89 -11.89 -17.94
C GLU B 100 19.78 -10.97 -17.09
N SER B 101 20.67 -10.22 -17.77
CA SER B 101 21.59 -9.34 -17.08
C SER B 101 20.80 -8.26 -16.31
N THR B 102 19.68 -7.86 -16.91
CA THR B 102 18.80 -6.86 -16.30
C THR B 102 18.06 -7.38 -15.04
N LYS B 103 17.57 -8.62 -15.08
CA LYS B 103 16.94 -9.24 -13.92
C LYS B 103 17.94 -9.41 -12.77
N LYS B 104 19.13 -9.89 -13.10
CA LYS B 104 20.24 -9.98 -12.19
C LYS B 104 20.56 -8.62 -11.55
N ALA B 105 20.65 -7.60 -12.37
CA ALA B 105 20.95 -6.25 -11.90
C ALA B 105 19.94 -5.72 -10.89
N PHE B 106 18.68 -5.92 -11.21
CA PHE B 106 17.54 -5.52 -10.41
C PHE B 106 17.55 -6.26 -9.07
N GLU B 107 17.87 -7.55 -9.14
CA GLU B 107 17.93 -8.37 -7.95
C GLU B 107 19.10 -7.97 -7.03
N LYS B 108 20.20 -7.51 -7.65
CA LYS B 108 21.32 -6.99 -6.92
C LYS B 108 20.89 -5.70 -6.21
N SER B 109 20.24 -4.79 -6.94
CA SER B 109 19.83 -3.52 -6.35
C SER B 109 18.83 -3.81 -5.20
N LEU B 110 17.90 -4.73 -5.43
CA LEU B 110 16.90 -5.02 -4.46
C LEU B 110 17.56 -5.48 -3.12
N LYS B 111 18.55 -6.37 -3.21
CA LYS B 111 19.31 -6.85 -2.08
C LYS B 111 20.03 -5.72 -1.32
N LYS B 112 20.77 -4.90 -2.08
CA LYS B 112 21.49 -3.73 -1.53
C LYS B 112 20.54 -2.83 -0.76
N LEU B 113 19.38 -2.60 -1.34
CA LEU B 113 18.37 -1.78 -0.70
C LEU B 113 17.68 -2.44 0.50
N GLN B 114 17.83 -3.77 0.64
CA GLN B 114 17.12 -4.57 1.66
C GLN B 114 15.60 -4.40 1.59
N LEU B 115 15.08 -4.36 0.38
CA LEU B 115 13.66 -4.18 0.13
C LEU B 115 13.07 -5.44 -0.47
N GLU B 116 11.73 -5.56 -0.35
CA GLU B 116 10.99 -6.68 -0.97
C GLU B 116 10.55 -6.27 -2.38
N TYR B 117 10.36 -4.98 -2.62
CA TYR B 117 9.96 -4.47 -3.94
C TYR B 117 10.52 -3.08 -4.12
N ILE B 118 10.56 -2.66 -5.37
CA ILE B 118 10.99 -1.33 -5.73
C ILE B 118 9.79 -0.59 -6.31
N ASP B 119 9.65 0.68 -5.95
CA ASP B 119 8.52 1.43 -6.44
C ASP B 119 8.67 1.77 -7.90
N LEU B 120 9.87 2.19 -8.32
CA LEU B 120 10.13 2.58 -9.71
C LEU B 120 11.51 2.19 -10.13
N TYR B 121 11.61 1.44 -11.23
CA TYR B 121 12.91 1.01 -11.76
C TYR B 121 13.04 1.57 -13.15
N LEU B 122 14.19 2.21 -13.41
CA LEU B 122 14.47 2.92 -14.65
C LEU B 122 15.64 2.35 -15.45
N ILE B 123 15.49 2.31 -16.77
CA ILE B 123 16.67 2.22 -17.61
C ILE B 123 17.39 3.59 -17.53
N HIS B 124 18.65 3.54 -17.09
CA HIS B 124 19.42 4.74 -16.75
C HIS B 124 19.82 5.58 -17.98
N GLN B 125 20.23 4.91 -19.05
CA GLN B 125 20.72 5.53 -20.24
C GLN B 125 20.11 4.86 -21.51
N PRO B 126 20.03 5.63 -22.59
CA PRO B 126 19.46 5.11 -23.84
C PRO B 126 20.39 4.27 -24.76
N PHE B 127 21.29 3.48 -24.17
CA PHE B 127 22.32 2.77 -24.96
C PHE B 127 22.23 1.27 -24.72
N GLY B 128 22.83 0.49 -25.60
CA GLY B 128 22.71 -0.98 -25.57
C GLY B 128 21.34 -1.54 -25.89
N ASP B 129 21.11 -2.83 -25.57
CA ASP B 129 19.88 -3.50 -25.94
C ASP B 129 18.74 -3.13 -24.94
N VAL B 130 18.25 -1.90 -25.07
CA VAL B 130 17.17 -1.42 -24.27
C VAL B 130 15.81 -2.14 -24.50
N HIS B 131 15.64 -2.75 -25.67
CA HIS B 131 14.45 -3.56 -25.95
C HIS B 131 14.41 -4.86 -25.09
N CYS B 132 15.56 -5.52 -24.97
CA CYS B 132 15.66 -6.70 -24.08
C CYS B 132 15.50 -6.31 -22.60
N ALA B 133 16.08 -5.19 -22.22
CA ALA B 133 15.97 -4.70 -20.86
C ALA B 133 14.50 -4.39 -20.51
N TRP B 134 13.79 -3.74 -21.42
CA TRP B 134 12.40 -3.37 -21.18
C TRP B 134 11.49 -4.61 -21.05
N LYS B 135 11.71 -5.57 -21.93
CA LYS B 135 11.05 -6.86 -21.88
C LYS B 135 11.25 -7.56 -20.53
N ALA B 136 12.51 -7.67 -20.08
CA ALA B 136 12.85 -8.16 -18.75
C ALA B 136 12.07 -7.40 -17.67
N MET B 137 12.03 -6.06 -17.82
CA MET B 137 11.42 -5.18 -16.82
C MET B 137 9.89 -5.32 -16.77
N GLU B 138 9.27 -5.48 -17.94
CA GLU B 138 7.85 -5.77 -18.06
C GLU B 138 7.49 -7.08 -17.32
N GLU B 139 8.34 -8.09 -17.45
CA GLU B 139 8.14 -9.34 -16.77
C GLU B 139 8.25 -9.17 -15.26
N MET B 140 9.24 -8.41 -14.79
CA MET B 140 9.39 -8.22 -13.32
C MET B 140 8.22 -7.41 -12.81
N TYR B 141 7.80 -6.44 -13.62
CA TYR B 141 6.63 -5.61 -13.30
C TYR B 141 5.38 -6.48 -13.10
N LYS B 142 5.18 -7.39 -14.03
CA LYS B 142 4.01 -8.23 -14.02
C LYS B 142 4.11 -9.29 -12.89
N ASP B 143 5.32 -9.72 -12.56
CA ASP B 143 5.55 -10.55 -11.34
C ASP B 143 5.38 -9.84 -9.98
N GLY B 144 5.16 -8.53 -9.98
CA GLY B 144 4.92 -7.76 -8.77
C GLY B 144 6.16 -7.29 -8.02
N LEU B 145 7.33 -7.37 -8.67
CA LEU B 145 8.59 -7.04 -8.01
C LEU B 145 8.84 -5.56 -8.04
N VAL B 146 8.15 -4.87 -8.93
CA VAL B 146 8.33 -3.43 -9.05
C VAL B 146 6.97 -2.79 -9.40
N ARG B 147 6.67 -1.67 -8.76
CA ARG B 147 5.35 -1.08 -8.93
C ARG B 147 5.18 -0.31 -10.22
N ALA B 148 6.30 0.17 -10.77
CA ALA B 148 6.32 1.02 -11.95
C ALA B 148 7.70 0.89 -12.62
N ILE B 149 7.73 0.91 -13.95
CA ILE B 149 8.93 0.84 -14.75
C ILE B 149 8.94 2.00 -15.73
N GLY B 150 10.13 2.46 -16.01
CA GLY B 150 10.31 3.61 -16.84
C GLY B 150 11.73 3.73 -17.34
N VAL B 151 12.03 4.89 -17.88
CA VAL B 151 13.34 5.13 -18.54
C VAL B 151 13.91 6.47 -18.11
N SER B 152 15.14 6.73 -18.58
CA SER B 152 15.83 7.98 -18.30
C SER B 152 16.67 8.35 -19.51
N ASN B 153 16.65 9.65 -19.81
CA ASN B 153 17.46 10.23 -20.87
C ASN B 153 17.04 9.76 -22.29
N PHE B 154 15.77 9.39 -22.42
CA PHE B 154 15.15 9.07 -23.71
C PHE B 154 14.46 10.30 -24.37
N TYR B 155 14.93 10.58 -25.57
CA TYR B 155 14.33 11.50 -26.49
C TYR B 155 13.05 10.87 -27.05
N PRO B 156 12.13 11.70 -27.55
CA PRO B 156 10.85 11.22 -27.97
C PRO B 156 10.92 10.11 -29.03
N ASP B 157 11.87 10.17 -29.95
CA ASP B 157 12.03 9.11 -30.95
C ASP B 157 12.38 7.77 -30.33
N ARG B 158 13.13 7.82 -29.26
N ARG B 158 13.18 7.82 -29.29
CA ARG B 158 13.53 6.61 -28.55
CA ARG B 158 13.56 6.63 -28.54
C ARG B 158 12.40 6.08 -27.67
C ARG B 158 12.37 6.09 -27.73
N LEU B 159 11.64 6.98 -27.05
CA LEU B 159 10.39 6.63 -26.37
C LEU B 159 9.39 5.98 -27.32
N MET B 160 9.25 6.51 -28.50
CA MET B 160 8.28 5.97 -29.44
C MET B 160 8.70 4.57 -29.87
N ASP B 161 9.99 4.41 -30.10
CA ASP B 161 10.54 3.12 -30.50
C ASP B 161 10.18 2.01 -29.49
N LEU B 162 10.30 2.33 -28.20
CA LEU B 162 9.84 1.39 -27.20
C LEU B 162 8.34 1.19 -27.30
N MET B 163 7.60 2.29 -27.31
CA MET B 163 6.15 2.18 -27.22
C MET B 163 5.55 1.39 -28.36
N VAL B 164 6.07 1.52 -29.57
CA VAL B 164 5.52 0.74 -30.68
C VAL B 164 6.05 -0.70 -30.73
N HIS B 165 7.02 -1.08 -29.90
CA HIS B 165 7.51 -2.48 -29.85
C HIS B 165 7.14 -3.27 -28.57
N HIS B 166 6.53 -2.59 -27.57
CA HIS B 166 6.23 -3.22 -26.31
C HIS B 166 4.88 -2.82 -25.73
N GLU B 167 4.36 -3.67 -24.85
CA GLU B 167 3.02 -3.51 -24.29
C GLU B 167 2.88 -2.31 -23.34
N ILE B 168 3.83 -2.23 -22.41
CA ILE B 168 3.79 -1.28 -21.27
C ILE B 168 4.49 0.00 -21.65
N VAL B 169 3.71 1.08 -21.64
CA VAL B 169 4.19 2.43 -21.81
C VAL B 169 4.99 2.76 -20.56
N PRO B 170 6.21 3.27 -20.75
CA PRO B 170 7.02 3.75 -19.61
C PRO B 170 6.27 4.72 -18.72
N ALA B 171 6.27 4.45 -17.42
CA ALA B 171 5.51 5.25 -16.50
C ALA B 171 6.18 6.62 -16.30
N VAL B 172 7.51 6.60 -16.32
CA VAL B 172 8.31 7.81 -16.10
C VAL B 172 9.48 7.86 -17.09
N ASN B 173 9.78 9.07 -17.56
CA ASN B 173 11.08 9.35 -18.18
C ASN B 173 11.72 10.47 -17.37
N GLN B 174 12.85 10.11 -16.72
CA GLN B 174 13.67 11.02 -15.98
C GLN B 174 14.72 11.68 -16.91
N ILE B 175 14.61 12.98 -17.05
CA ILE B 175 15.52 13.74 -17.87
C ILE B 175 15.94 15.03 -17.20
N GLU B 176 17.02 15.62 -17.70
CA GLU B 176 17.47 16.91 -17.22
C GLU B 176 16.42 17.98 -17.55
N ILE B 177 15.85 18.61 -16.53
CA ILE B 177 14.95 19.75 -16.74
C ILE B 177 15.20 20.82 -15.67
N HIS B 178 15.49 22.04 -16.10
CA HIS B 178 15.73 23.17 -15.19
C HIS B 178 15.50 24.44 -16.00
N PRO B 179 15.53 25.61 -15.38
CA PRO B 179 15.25 26.85 -16.11
C PRO B 179 16.07 27.13 -17.38
N PHE B 180 17.25 26.53 -17.52
CA PHE B 180 18.11 26.81 -18.69
C PHE B 180 17.92 25.74 -19.78
N TYR B 181 17.21 24.66 -19.46
CA TYR B 181 16.94 23.55 -20.36
C TYR B 181 15.56 23.01 -20.03
N GLN B 182 14.55 23.66 -20.60
CA GLN B 182 13.21 23.49 -20.12
C GLN B 182 12.25 22.52 -20.82
N ARG B 183 12.37 22.35 -22.15
CA ARG B 183 12.40 21.09 -22.88
C ARG B 183 10.83 20.92 -23.01
N GLN B 184 10.12 22.05 -23.13
CA GLN B 184 8.67 22.06 -23.19
C GLN B 184 8.05 21.12 -24.25
N GLU B 185 8.64 21.07 -25.43
CA GLU B 185 8.15 20.25 -26.51
C GLU B 185 8.16 18.77 -26.14
N GLU B 186 9.21 18.35 -25.44
CA GLU B 186 9.33 16.96 -24.97
C GLU B 186 8.38 16.70 -23.80
N ILE B 187 8.08 17.74 -23.02
CA ILE B 187 7.10 17.62 -21.96
C ILE B 187 5.72 17.38 -22.55
N GLU B 188 5.40 18.08 -23.63
CA GLU B 188 4.10 17.88 -24.22
C GLU B 188 4.04 16.61 -25.03
N PHE B 189 5.17 16.11 -25.46
CA PHE B 189 5.16 14.78 -26.09
C PHE B 189 4.84 13.71 -25.06
N MET B 190 5.53 13.75 -23.94
CA MET B 190 5.27 12.85 -22.79
C MET B 190 3.83 12.88 -22.26
N ARG B 191 3.30 14.08 -22.11
CA ARG B 191 1.97 14.24 -21.60
C ARG B 191 1.00 13.63 -22.60
N ASN B 192 1.23 13.91 -23.87
CA ASN B 192 0.40 13.30 -24.91
C ASN B 192 0.40 11.75 -24.87
N TYR B 193 1.55 11.15 -24.55
CA TYR B 193 1.68 9.69 -24.55
C TYR B 193 1.67 9.04 -23.16
N ASN B 194 1.26 9.79 -22.14
CA ASN B 194 1.10 9.32 -20.75
C ASN B 194 2.33 8.82 -20.08
N ILE B 195 3.41 9.56 -20.28
CA ILE B 195 4.69 9.27 -19.64
C ILE B 195 4.89 10.43 -18.70
N GLN B 196 5.08 10.16 -17.42
CA GLN B 196 5.31 11.24 -16.45
C GLN B 196 6.77 11.76 -16.62
N PRO B 197 6.94 13.06 -16.87
CA PRO B 197 8.26 13.64 -16.78
C PRO B 197 8.75 13.83 -15.34
N GLU B 198 10.01 13.42 -15.13
CA GLU B 198 10.71 13.62 -13.91
C GLU B 198 12.03 14.37 -14.15
N ALA B 199 12.21 15.45 -13.42
CA ALA B 199 13.42 16.31 -13.55
C ALA B 199 14.60 15.89 -12.70
N TRP B 200 15.64 15.41 -13.37
CA TRP B 200 16.96 15.39 -12.76
C TRP B 200 17.69 16.70 -13.02
N GLY B 201 18.66 17.02 -12.14
CA GLY B 201 19.39 18.28 -12.21
C GLY B 201 18.43 19.46 -12.23
N PRO B 202 17.45 19.50 -11.35
CA PRO B 202 16.50 20.62 -11.31
C PRO B 202 17.18 21.99 -11.10
N PHE B 203 18.34 21.98 -10.45
CA PHE B 203 19.12 23.18 -10.26
C PHE B 203 20.26 23.25 -11.26
N ALA B 204 20.21 22.45 -12.29
CA ALA B 204 21.36 22.26 -13.15
C ALA B 204 22.66 22.05 -12.35
N GLU B 205 22.57 21.39 -11.19
CA GLU B 205 23.72 21.17 -10.28
C GLU B 205 24.43 22.48 -9.87
N GLY B 206 23.67 23.56 -9.85
CA GLY B 206 24.22 24.86 -9.62
C GLY B 206 24.95 25.54 -10.76
N ARG B 207 25.00 24.91 -11.92
CA ARG B 207 25.76 25.50 -13.05
C ARG B 207 25.20 26.88 -13.39
N LYS B 208 26.05 27.76 -13.92
CA LYS B 208 25.61 29.01 -14.54
C LYS B 208 25.02 30.02 -13.59
N ASN B 209 25.52 29.98 -12.36
CA ASN B 209 25.15 30.89 -11.27
C ASN B 209 23.63 30.92 -11.14
N ILE B 210 23.06 29.75 -11.27
CA ILE B 210 21.62 29.65 -11.25
C ILE B 210 20.99 30.22 -9.97
N PHE B 211 21.65 30.08 -8.82
CA PHE B 211 21.01 30.51 -7.57
C PHE B 211 21.04 32.03 -7.38
N GLN B 212 21.80 32.70 -8.24
CA GLN B 212 21.92 34.14 -8.23
C GLN B 212 21.28 34.78 -9.44
N ASN B 213 20.48 34.03 -10.20
CA ASN B 213 19.88 34.57 -11.42
C ASN B 213 18.86 35.68 -11.09
N GLY B 214 19.04 36.84 -11.72
CA GLY B 214 18.24 38.03 -11.39
C GLY B 214 16.74 37.90 -11.59
N VAL B 215 16.34 37.28 -12.70
CA VAL B 215 14.93 36.97 -12.94
C VAL B 215 14.34 36.10 -11.82
N LEU B 216 15.08 35.07 -11.40
CA LEU B 216 14.64 34.15 -10.38
C LEU B 216 14.57 34.81 -9.01
N ARG B 217 15.50 35.72 -8.76
CA ARG B 217 15.54 36.46 -7.50
C ARG B 217 14.42 37.44 -7.39
N SER B 218 14.11 38.14 -8.47
CA SER B 218 12.98 39.09 -8.47
C SER B 218 11.69 38.35 -8.12
N ILE B 219 11.52 37.15 -8.64
CA ILE B 219 10.33 36.36 -8.32
C ILE B 219 10.35 35.85 -6.85
N ALA B 220 11.46 35.21 -6.47
CA ALA B 220 11.73 34.84 -5.08
C ALA B 220 11.49 36.04 -4.09
N GLU B 221 11.96 37.24 -4.41
CA GLU B 221 11.75 38.41 -3.55
C GLU B 221 10.23 38.65 -3.34
N LYS B 222 9.49 38.64 -4.44
CA LYS B 222 8.04 38.80 -4.46
C LYS B 222 7.28 37.90 -3.44
N TYR B 223 7.79 36.69 -3.17
CA TYR B 223 7.12 35.71 -2.29
C TYR B 223 7.84 35.44 -0.97
N GLY B 224 8.99 36.06 -0.77
CA GLY B 224 9.80 35.78 0.41
C GLY B 224 10.32 34.36 0.42
N LYS B 225 10.59 33.83 -0.77
CA LYS B 225 11.11 32.49 -0.88
C LYS B 225 12.51 32.64 -1.45
N THR B 226 13.28 31.54 -1.45
CA THR B 226 14.58 31.50 -2.15
C THR B 226 14.41 31.06 -3.57
N VAL B 227 15.47 31.27 -4.33
CA VAL B 227 15.52 30.89 -5.74
C VAL B 227 15.31 29.40 -5.91
N ALA B 228 15.97 28.58 -5.09
CA ALA B 228 15.82 27.13 -5.15
C ALA B 228 14.34 26.75 -4.98
N GLN B 229 13.69 27.31 -3.96
CA GLN B 229 12.26 27.11 -3.81
C GLN B 229 11.43 27.48 -5.06
N VAL B 230 11.71 28.63 -5.64
CA VAL B 230 11.01 29.10 -6.84
C VAL B 230 11.17 28.13 -8.01
N ILE B 231 12.38 27.61 -8.16
CA ILE B 231 12.65 26.63 -9.22
C ILE B 231 11.79 25.39 -9.03
N LEU B 232 11.84 24.83 -7.84
CA LEU B 232 11.09 23.61 -7.55
C LEU B 232 9.57 23.84 -7.62
N ARG B 233 9.09 24.97 -7.10
CA ARG B 233 7.70 25.35 -7.26
C ARG B 233 7.33 25.38 -8.76
N TRP B 234 8.21 25.99 -9.57
CA TRP B 234 7.97 26.11 -11.02
C TRP B 234 7.86 24.75 -11.70
N LEU B 235 8.78 23.84 -11.45
CA LEU B 235 8.67 22.48 -11.97
C LEU B 235 7.37 21.76 -11.54
N THR B 236 7.06 21.81 -10.26
CA THR B 236 5.97 21.02 -9.76
C THR B 236 4.71 21.61 -10.24
N GLN B 237 4.69 22.94 -10.40
CA GLN B 237 3.46 23.62 -10.84
C GLN B 237 3.15 23.23 -12.29
N LYS B 238 4.20 22.87 -13.06
CA LYS B 238 4.08 22.25 -14.40
C LYS B 238 3.66 20.78 -14.35
N GLY B 239 3.55 20.20 -13.16
CA GLY B 239 3.23 18.80 -13.04
C GLY B 239 4.44 17.92 -13.29
N ILE B 240 5.62 18.47 -13.03
CA ILE B 240 6.85 17.71 -13.19
C ILE B 240 7.39 17.29 -11.82
N VAL B 241 7.66 16.00 -11.68
CA VAL B 241 8.34 15.47 -10.49
C VAL B 241 9.79 15.98 -10.49
N ALA B 242 10.23 16.48 -9.35
CA ALA B 242 11.60 17.01 -9.21
C ALA B 242 12.30 16.29 -8.06
N ILE B 243 13.60 16.02 -8.21
CA ILE B 243 14.38 15.30 -7.20
C ILE B 243 15.69 16.03 -6.82
N PRO B 244 15.57 17.20 -6.19
CA PRO B 244 16.76 17.97 -5.83
C PRO B 244 17.63 17.21 -4.82
N LYS B 245 18.93 17.42 -4.92
CA LYS B 245 19.90 16.82 -4.02
C LYS B 245 20.58 17.85 -3.12
N THR B 246 20.64 17.54 -1.84
CA THR B 246 21.44 18.32 -0.92
C THR B 246 21.87 17.44 0.24
N VAL B 247 23.09 17.67 0.69
CA VAL B 247 23.62 17.02 1.88
C VAL B 247 23.32 17.80 3.17
N ARG B 248 22.57 18.90 3.07
CA ARG B 248 22.36 19.77 4.23
C ARG B 248 20.94 19.69 4.75
N ARG B 249 20.76 19.41 6.06
CA ARG B 249 19.43 19.26 6.62
C ARG B 249 18.59 20.50 6.29
N GLU B 250 19.17 21.69 6.44
CA GLU B 250 18.44 22.94 6.29
C GLU B 250 17.93 23.16 4.89
N ARG B 251 18.68 22.65 3.91
CA ARG B 251 18.25 22.69 2.49
C ARG B 251 17.20 21.65 2.14
N MET B 252 17.23 20.50 2.83
CA MET B 252 16.18 19.50 2.70
C MET B 252 14.88 20.16 3.10
N LYS B 253 14.91 20.82 4.25
CA LYS B 253 13.74 21.52 4.78
C LYS B 253 13.31 22.63 3.80
N GLU B 254 14.26 23.38 3.28
CA GLU B 254 13.96 24.49 2.39
C GLU B 254 13.34 24.00 1.09
N ASN B 255 13.92 22.94 0.54
CA ASN B 255 13.55 22.41 -0.77
C ASN B 255 12.19 21.74 -0.80
N ILE B 256 11.74 21.26 0.36
CA ILE B 256 10.44 20.62 0.45
C ILE B 256 9.31 21.58 0.85
N SER B 257 9.68 22.79 1.23
CA SER B 257 8.74 23.75 1.80
C SER B 257 8.30 24.75 0.74
N ILE B 258 7.63 24.27 -0.30
CA ILE B 258 7.33 25.04 -1.52
C ILE B 258 5.85 25.01 -1.94
N PHE B 259 4.99 24.41 -1.13
CA PHE B 259 3.57 24.18 -1.51
C PHE B 259 2.61 25.17 -0.80
N ASP B 260 3.17 26.07 0.01
CA ASP B 260 2.42 27.14 0.66
C ASP B 260 2.36 28.44 -0.20
N PHE B 261 2.75 28.33 -1.47
CA PHE B 261 2.64 29.44 -2.39
C PHE B 261 2.51 28.93 -3.82
N GLU B 262 2.29 29.88 -4.74
CA GLU B 262 2.02 29.63 -6.14
C GLU B 262 2.54 30.73 -7.04
N LEU B 263 3.11 30.33 -8.17
CA LEU B 263 3.58 31.32 -9.11
C LEU B 263 2.41 31.77 -9.99
N THR B 264 2.38 33.07 -10.33
CA THR B 264 1.41 33.55 -11.32
C THR B 264 1.77 33.10 -12.74
N GLN B 265 0.80 33.25 -13.62
CA GLN B 265 1.05 33.05 -15.04
C GLN B 265 2.20 33.98 -15.50
N GLU B 266 2.20 35.23 -15.02
CA GLU B 266 3.25 36.19 -15.33
C GLU B 266 4.61 35.61 -14.94
N ASP B 267 4.68 35.02 -13.74
CA ASP B 267 5.92 34.49 -13.19
C ASP B 267 6.41 33.34 -14.07
N MET B 268 5.48 32.45 -14.42
CA MET B 268 5.78 31.27 -15.26
C MET B 268 6.32 31.67 -16.64
N GLU B 269 5.68 32.67 -17.25
CA GLU B 269 6.14 33.27 -18.51
C GLU B 269 7.53 33.92 -18.41
N LYS B 270 7.80 34.63 -17.30
CA LYS B 270 9.15 35.18 -17.03
C LYS B 270 10.17 34.05 -16.94
N ILE B 271 9.84 32.98 -16.24
CA ILE B 271 10.79 31.86 -16.14
C ILE B 271 11.04 31.21 -17.49
N ALA B 272 10.01 31.13 -18.31
CA ALA B 272 10.14 30.54 -19.64
C ALA B 272 11.15 31.26 -20.55
N THR B 273 11.33 32.57 -20.33
CA THR B 273 12.31 33.35 -21.10
C THR B 273 13.74 32.82 -20.94
N LEU B 274 14.00 32.11 -19.87
CA LEU B 274 15.36 31.74 -19.48
C LEU B 274 15.93 30.53 -20.18
N ASP B 275 15.06 29.81 -20.88
CA ASP B 275 15.45 28.59 -21.56
C ASP B 275 16.60 28.86 -22.52
N GLU B 276 17.62 28.04 -22.42
CA GLU B 276 18.69 28.05 -23.41
C GLU B 276 18.59 26.89 -24.43
N GLY B 277 17.68 25.96 -24.18
CA GLY B 277 17.31 24.98 -25.19
C GLY B 277 18.34 23.88 -25.43
N GLN B 278 19.26 23.70 -24.47
CA GLN B 278 20.24 22.60 -24.53
C GLN B 278 20.78 22.30 -23.15
N SER B 279 21.38 21.13 -23.05
CA SER B 279 21.88 20.63 -21.81
C SER B 279 22.96 21.50 -21.23
N ALA B 280 22.96 21.54 -19.89
CA ALA B 280 24.04 22.20 -19.20
C ALA B 280 25.30 21.29 -19.12
N PHE B 281 25.17 20.03 -19.55
CA PHE B 281 26.26 19.03 -19.40
C PHE B 281 26.73 18.58 -20.77
N PHE B 282 25.86 17.90 -21.51
CA PHE B 282 26.20 17.39 -22.82
C PHE B 282 24.92 16.84 -23.45
N SER B 283 25.03 16.47 -24.72
CA SER B 283 23.98 15.79 -25.51
C SER B 283 24.14 14.25 -25.59
N HIS B 284 23.03 13.56 -25.42
CA HIS B 284 23.00 12.11 -25.52
C HIS B 284 23.02 11.64 -26.98
N ARG B 285 22.86 12.60 -27.89
CA ARG B 285 22.97 12.35 -29.34
C ARG B 285 24.36 12.64 -29.90
N ASP B 286 25.26 13.08 -29.01
CA ASP B 286 26.66 13.25 -29.36
C ASP B 286 27.33 11.86 -29.31
N PRO B 287 27.85 11.40 -30.44
CA PRO B 287 28.45 10.05 -30.48
C PRO B 287 29.68 9.87 -29.55
N GLU B 288 30.45 10.92 -29.34
CA GLU B 288 31.58 10.85 -28.46
C GLU B 288 31.07 10.70 -27.00
N VAL B 289 29.91 11.27 -26.70
CA VAL B 289 29.25 11.09 -25.42
C VAL B 289 28.75 9.66 -25.20
N VAL B 290 28.11 9.08 -26.19
CA VAL B 290 27.69 7.66 -26.16
C VAL B 290 28.85 6.76 -25.75
N LYS B 291 29.98 6.96 -26.42
CA LYS B 291 31.18 6.21 -26.14
C LYS B 291 31.76 6.49 -24.73
N TRP B 292 31.76 7.74 -24.29
CA TRP B 292 32.33 8.06 -22.95
C TRP B 292 31.46 7.37 -21.91
N ILE B 293 30.16 7.51 -22.05
CA ILE B 293 29.29 6.92 -21.07
C ILE B 293 29.37 5.39 -21.00
N CYS B 294 29.47 4.77 -22.17
CA CYS B 294 29.55 3.32 -22.26
C CYS B 294 30.91 2.84 -21.88
N SER B 295 31.87 3.73 -21.70
CA SER B 295 33.21 3.31 -21.21
C SER B 295 33.45 3.56 -19.71
N LEU B 296 32.50 4.18 -19.03
CA LEU B 296 32.62 4.34 -17.57
C LEU B 296 32.80 3.07 -16.68
C LEU B 296 32.59 2.93 -16.86
#